data_7KSC
#
_entry.id   7KSC
#
_cell.length_a   29.522
_cell.length_b   89.424
_cell.length_c   58.940
_cell.angle_alpha   90.000
_cell.angle_beta   102.790
_cell.angle_gamma   90.000
#
_symmetry.space_group_name_H-M   'P 1 21 1'
#
loop_
_entity.id
_entity.type
_entity.pdbx_description
1 polymer 'Non-specific lipid-transfer protein'
2 non-polymer 'SULFATE ION'
3 water water
#
_entity_poly.entity_id   1
_entity_poly.type   'polypeptide(L)'
_entity_poly.pdbx_seq_one_letter_code
;AVTCGQVASSLAPCIPYARSAGGAVPPACCSGIKTLDGMARTTPDRQATCKCLKSASTSISGINYGLVASLPAKCGVNIP
YKISPSTDCARVK
;
_entity_poly.pdbx_strand_id   A,B,C,D
#
# COMPACT_ATOMS: atom_id res chain seq x y z
N ALA A 1 19.47 -0.51 -1.66
CA ALA A 1 18.87 -0.94 -0.34
C ALA A 1 18.00 -2.18 -0.56
N VAL A 2 17.89 -3.04 0.46
CA VAL A 2 17.01 -4.24 0.39
C VAL A 2 15.59 -3.74 0.14
N THR A 3 14.83 -4.45 -0.70
CA THR A 3 13.41 -4.13 -1.00
C THR A 3 12.48 -4.98 -0.10
N CYS A 4 11.21 -4.59 0.00
CA CYS A 4 10.17 -5.34 0.74
C CYS A 4 9.94 -6.68 0.05
N GLY A 5 10.08 -6.72 -1.28
CA GLY A 5 10.08 -7.99 -2.03
C GLY A 5 11.17 -8.91 -1.53
N GLN A 6 12.37 -8.40 -1.28
CA GLN A 6 13.52 -9.24 -0.84
C GLN A 6 13.23 -9.76 0.57
N VAL A 7 12.70 -8.91 1.43
CA VAL A 7 12.42 -9.25 2.86
C VAL A 7 11.32 -10.32 2.91
N ALA A 8 10.23 -10.11 2.17
CA ALA A 8 9.11 -11.07 2.06
C ALA A 8 9.61 -12.44 1.59
N SER A 9 10.44 -12.48 0.56
CA SER A 9 10.96 -13.74 -0.04
C SER A 9 11.82 -14.50 0.98
N SER A 10 12.61 -13.80 1.78
CA SER A 10 13.48 -14.44 2.80
C SER A 10 12.67 -14.87 4.04
N LEU A 11 11.70 -14.09 4.51
CA LEU A 11 10.99 -14.39 5.79
C LEU A 11 9.62 -15.06 5.56
N ALA A 12 9.22 -15.28 4.31
CA ALA A 12 7.92 -15.95 4.03
C ALA A 12 7.87 -17.33 4.68
N PRO A 13 8.93 -18.15 4.64
CA PRO A 13 8.92 -19.43 5.35
C PRO A 13 8.75 -19.32 6.87
N CYS A 14 8.90 -18.13 7.46
CA CYS A 14 8.75 -17.93 8.93
C CYS A 14 7.30 -17.65 9.35
N ILE A 15 6.40 -17.26 8.45
CA ILE A 15 5.06 -16.71 8.84
C ILE A 15 4.23 -17.75 9.57
N PRO A 16 4.06 -18.99 9.05
CA PRO A 16 3.24 -19.98 9.74
C PRO A 16 3.78 -20.23 11.16
N TYR A 17 5.07 -20.41 11.34
CA TYR A 17 5.75 -20.58 12.65
C TYR A 17 5.54 -19.32 13.53
N ALA A 18 5.54 -18.14 12.94
CA ALA A 18 5.41 -16.85 13.67
C ALA A 18 4.04 -16.74 14.34
N ARG A 19 3.05 -17.51 13.87
CA ARG A 19 1.64 -17.49 14.36
C ARG A 19 1.39 -18.65 15.31
N SER A 20 2.38 -19.53 15.50
CA SER A 20 2.25 -20.79 16.29
C SER A 20 2.64 -20.54 17.74
N ALA A 21 2.55 -21.58 18.56
CA ALA A 21 2.91 -21.52 20.00
C ALA A 21 4.40 -21.72 20.19
N GLY A 22 5.13 -22.04 19.11
CA GLY A 22 6.58 -22.23 19.17
C GLY A 22 6.94 -23.65 18.80
N GLY A 23 8.03 -24.16 19.38
CA GLY A 23 8.58 -25.47 19.02
C GLY A 23 9.71 -25.37 18.00
N ALA A 24 9.92 -26.45 17.24
CA ALA A 24 11.03 -26.55 16.29
C ALA A 24 10.84 -25.53 15.15
N VAL A 25 11.87 -24.73 14.88
CA VAL A 25 11.88 -23.74 13.76
C VAL A 25 12.03 -24.50 12.44
N PRO A 26 11.12 -24.28 11.47
CA PRO A 26 11.32 -24.78 10.11
C PRO A 26 12.68 -24.35 9.55
N PRO A 27 13.47 -25.27 8.97
CA PRO A 27 14.82 -24.94 8.46
C PRO A 27 14.82 -23.82 7.41
N ALA A 28 13.77 -23.78 6.58
CA ALA A 28 13.58 -22.79 5.51
C ALA A 28 13.41 -21.41 6.16
N CYS A 29 12.84 -21.34 7.37
CA CYS A 29 12.70 -20.06 8.10
C CYS A 29 14.09 -19.59 8.58
N CYS A 30 14.89 -20.49 9.14
CA CYS A 30 16.29 -20.17 9.59
C CYS A 30 17.15 -19.74 8.39
N SER A 31 16.96 -20.43 7.28
CA SER A 31 17.64 -20.13 6.01
C SER A 31 17.21 -18.74 5.57
N GLY A 32 15.92 -18.46 5.63
CA GLY A 32 15.39 -17.14 5.27
C GLY A 32 15.97 -16.06 6.15
N ILE A 33 16.10 -16.31 7.44
CA ILE A 33 16.65 -15.33 8.43
C ILE A 33 18.13 -15.09 8.11
N LYS A 34 18.87 -16.13 7.77
CA LYS A 34 20.31 -16.03 7.41
C LYS A 34 20.46 -15.17 6.15
N THR A 35 19.62 -15.40 5.15
CA THR A 35 19.58 -14.61 3.90
C THR A 35 19.33 -13.14 4.24
N LEU A 36 18.32 -12.85 5.07
CA LEU A 36 18.01 -11.44 5.41
C LEU A 36 19.20 -10.82 6.15
N ASP A 37 19.83 -11.57 7.06
CA ASP A 37 21.02 -11.08 7.79
C ASP A 37 22.09 -10.65 6.77
N GLY A 38 22.32 -11.49 5.76
CA GLY A 38 23.29 -11.25 4.69
C GLY A 38 22.96 -10.05 3.81
N MET A 39 21.68 -9.68 3.72
CA MET A 39 21.23 -8.53 2.90
C MET A 39 21.27 -7.22 3.69
N ALA A 40 21.05 -7.26 5.02
CA ALA A 40 20.94 -6.06 5.88
C ALA A 40 22.27 -5.79 6.60
N ARG A 41 23.27 -5.26 5.88
CA ARG A 41 24.61 -5.01 6.43
C ARG A 41 24.82 -3.53 6.76
N THR A 42 23.93 -2.67 6.30
CA THR A 42 24.01 -1.21 6.57
C THR A 42 22.81 -0.81 7.44
N THR A 43 22.94 0.30 8.15
CA THR A 43 21.86 0.90 8.95
C THR A 43 20.61 1.09 8.09
N PRO A 44 20.67 1.74 6.92
CA PRO A 44 19.49 1.89 6.07
C PRO A 44 18.83 0.56 5.68
N ASP A 45 19.62 -0.49 5.41
CA ASP A 45 19.07 -1.82 5.05
C ASP A 45 18.29 -2.40 6.23
N ARG A 46 18.80 -2.23 7.45
CA ARG A 46 18.09 -2.68 8.67
C ARG A 46 16.83 -1.82 8.90
N GLN A 47 16.91 -0.52 8.67
CA GLN A 47 15.75 0.37 8.83
C GLN A 47 14.67 0.06 7.78
N ALA A 48 15.06 -0.22 6.54
CA ALA A 48 14.14 -0.66 5.48
C ALA A 48 13.47 -1.97 5.88
N THR A 49 14.26 -2.92 6.36
CA THR A 49 13.75 -4.25 6.81
C THR A 49 12.70 -4.01 7.89
N CYS A 50 13.03 -3.20 8.89
CA CYS A 50 12.11 -2.85 10.00
C CYS A 50 10.80 -2.31 9.41
N LYS A 51 10.86 -1.38 8.46
CA LYS A 51 9.66 -0.71 7.89
C LYS A 51 8.86 -1.70 7.06
N CYS A 52 9.51 -2.64 6.38
CA CYS A 52 8.81 -3.64 5.54
C CYS A 52 8.07 -4.59 6.46
N LEU A 53 8.71 -5.01 7.56
CA LEU A 53 8.12 -5.94 8.55
C LEU A 53 6.91 -5.32 9.25
N LYS A 54 7.02 -4.07 9.70
CA LYS A 54 5.89 -3.36 10.33
C LYS A 54 4.73 -3.25 9.34
N SER A 55 4.99 -2.90 8.08
CA SER A 55 3.92 -2.72 7.07
C SER A 55 3.20 -4.05 6.87
N ALA A 56 3.95 -5.14 6.71
CA ALA A 56 3.39 -6.49 6.49
C ALA A 56 2.58 -6.96 7.72
N SER A 57 3.04 -6.61 8.92
CA SER A 57 2.39 -6.96 10.22
C SER A 57 0.94 -6.45 10.26
N THR A 58 0.66 -5.29 9.70
CA THR A 58 -0.71 -4.72 9.73
C THR A 58 -1.66 -5.63 8.96
N SER A 59 -1.16 -6.39 7.98
CA SER A 59 -1.97 -7.30 7.13
C SER A 59 -1.98 -8.74 7.68
N ILE A 60 -1.39 -9.00 8.85
CA ILE A 60 -1.34 -10.38 9.40
C ILE A 60 -1.77 -10.35 10.86
N SER A 61 -2.75 -11.17 11.23
CA SER A 61 -3.22 -11.33 12.64
C SER A 61 -2.66 -12.64 13.21
N GLY A 62 -2.66 -12.80 14.53
CA GLY A 62 -2.27 -14.05 15.19
C GLY A 62 -0.76 -14.15 15.39
N ILE A 63 -0.01 -13.07 15.20
CA ILE A 63 1.47 -13.12 15.29
C ILE A 63 1.85 -13.19 16.76
N ASN A 64 2.76 -14.12 17.07
CA ASN A 64 3.34 -14.32 18.42
C ASN A 64 4.63 -13.51 18.46
N TYR A 65 4.55 -12.25 18.87
CA TYR A 65 5.73 -11.34 18.86
C TYR A 65 6.80 -11.82 19.84
N GLY A 66 6.41 -12.39 20.99
CA GLY A 66 7.38 -12.97 21.96
C GLY A 66 8.25 -14.05 21.31
N LEU A 67 7.64 -14.89 20.46
CA LEU A 67 8.35 -16.00 19.75
C LEU A 67 9.22 -15.42 18.63
N VAL A 68 8.67 -14.46 17.87
CA VAL A 68 9.38 -13.78 16.74
C VAL A 68 10.65 -13.10 17.26
N ALA A 69 10.58 -12.41 18.40
CA ALA A 69 11.76 -11.78 19.03
C ALA A 69 12.93 -12.77 19.14
N SER A 70 12.66 -14.02 19.47
CA SER A 70 13.73 -15.02 19.76
C SER A 70 14.16 -15.80 18.51
N LEU A 71 13.48 -15.63 17.36
CA LEU A 71 13.70 -16.47 16.16
C LEU A 71 15.15 -16.39 15.70
N PRO A 72 15.78 -15.20 15.58
CA PRO A 72 17.17 -15.14 15.14
C PRO A 72 18.10 -16.06 15.95
N ALA A 73 18.05 -15.99 17.28
CA ALA A 73 18.94 -16.78 18.17
C ALA A 73 18.64 -18.27 17.97
N LYS A 74 17.38 -18.64 17.80
CA LYS A 74 16.99 -20.06 17.56
C LYS A 74 17.59 -20.53 16.22
N CYS A 75 17.82 -19.61 15.30
CA CYS A 75 18.40 -19.90 13.97
C CYS A 75 19.93 -19.74 13.96
N GLY A 76 20.55 -19.51 15.11
CA GLY A 76 22.02 -19.39 15.23
C GLY A 76 22.54 -18.00 14.89
N VAL A 77 21.67 -17.03 14.63
CA VAL A 77 22.06 -15.63 14.35
C VAL A 77 22.03 -14.85 15.67
N ASN A 78 23.18 -14.35 16.12
CA ASN A 78 23.27 -13.55 17.37
C ASN A 78 22.78 -12.13 17.06
N ILE A 79 21.80 -11.64 17.81
CA ILE A 79 21.21 -10.29 17.55
C ILE A 79 21.25 -9.51 18.86
N PRO A 80 21.70 -8.25 18.84
CA PRO A 80 21.75 -7.43 20.05
C PRO A 80 20.39 -7.12 20.67
N TYR A 81 19.33 -7.07 19.87
CA TYR A 81 18.01 -6.57 20.29
C TYR A 81 16.94 -7.57 19.85
N LYS A 82 15.77 -7.49 20.48
CA LYS A 82 14.58 -8.28 20.10
C LYS A 82 13.81 -7.54 19.01
N ILE A 83 13.34 -8.27 18.01
CA ILE A 83 12.39 -7.77 16.99
C ILE A 83 11.08 -7.39 17.70
N SER A 84 10.67 -6.14 17.62
CA SER A 84 9.50 -5.64 18.38
C SER A 84 8.75 -4.60 17.55
N PRO A 85 7.40 -4.69 17.46
CA PRO A 85 6.58 -3.65 16.82
C PRO A 85 6.70 -2.31 17.56
N SER A 86 7.07 -2.35 18.83
CA SER A 86 7.23 -1.17 19.72
C SER A 86 8.43 -0.32 19.27
N THR A 87 9.49 -0.94 18.75
CA THR A 87 10.74 -0.23 18.38
C THR A 87 10.50 0.67 17.16
N ASP A 88 10.90 1.94 17.23
CA ASP A 88 10.79 2.87 16.07
C ASP A 88 11.89 2.53 15.04
N CYS A 89 11.51 2.29 13.79
CA CYS A 89 12.44 1.93 12.67
C CYS A 89 13.51 3.00 12.49
N ALA A 90 13.19 4.26 12.79
CA ALA A 90 14.12 5.40 12.71
C ALA A 90 15.27 5.25 13.72
N ARG A 91 15.13 4.41 14.75
CA ARG A 91 16.16 4.27 15.81
C ARG A 91 16.93 2.95 15.65
N VAL A 92 16.64 2.17 14.61
CA VAL A 92 17.40 0.92 14.30
C VAL A 92 18.77 1.33 13.73
N LYS A 93 19.84 0.74 14.24
CA LYS A 93 21.24 0.96 13.79
C LYS A 93 21.68 -0.19 12.89
N ALA B 1 10.98 26.25 -9.22
CA ALA B 1 10.43 25.73 -7.94
C ALA B 1 9.50 24.54 -8.21
N VAL B 2 9.40 23.65 -7.23
CA VAL B 2 8.53 22.44 -7.28
C VAL B 2 7.11 22.92 -7.55
N THR B 3 6.37 22.19 -8.39
CA THR B 3 4.94 22.43 -8.71
C THR B 3 4.07 21.57 -7.79
N CYS B 4 2.79 21.91 -7.67
CA CYS B 4 1.77 21.17 -6.91
C CYS B 4 1.55 19.82 -7.55
N GLY B 5 1.67 19.74 -8.88
CA GLY B 5 1.67 18.45 -9.60
C GLY B 5 2.80 17.56 -9.10
N GLN B 6 3.99 18.10 -8.89
CA GLN B 6 5.16 17.31 -8.43
C GLN B 6 4.91 16.85 -6.99
N VAL B 7 4.38 17.73 -6.14
CA VAL B 7 4.09 17.43 -4.70
C VAL B 7 3.02 16.34 -4.62
N ALA B 8 1.87 16.51 -5.27
CA ALA B 8 0.77 15.52 -5.32
C ALA B 8 1.30 14.15 -5.79
N SER B 9 2.13 14.13 -6.83
CA SER B 9 2.65 12.87 -7.42
C SER B 9 3.60 12.15 -6.45
N SER B 10 4.42 12.89 -5.70
CA SER B 10 5.32 12.32 -4.64
C SER B 10 4.53 11.85 -3.39
N LEU B 11 3.49 12.59 -2.97
CA LEU B 11 2.75 12.31 -1.72
C LEU B 11 1.48 11.49 -1.96
N ALA B 12 1.14 11.14 -3.20
CA ALA B 12 -0.06 10.34 -3.53
C ALA B 12 -0.06 9.03 -2.74
N PRO B 13 1.05 8.27 -2.60
CA PRO B 13 1.04 7.06 -1.78
C PRO B 13 0.77 7.29 -0.29
N CYS B 14 0.89 8.53 0.22
CA CYS B 14 0.68 8.87 1.65
C CYS B 14 -0.80 9.16 1.99
N ILE B 15 -1.66 9.47 1.01
CA ILE B 15 -3.00 10.11 1.28
C ILE B 15 -3.89 9.14 2.06
N PRO B 16 -4.08 7.88 1.60
CA PRO B 16 -4.98 6.98 2.33
C PRO B 16 -4.48 6.79 3.77
N TYR B 17 -3.19 6.59 3.98
CA TYR B 17 -2.58 6.44 5.32
C TYR B 17 -2.76 7.73 6.15
N ALA B 18 -2.74 8.91 5.51
CA ALA B 18 -2.89 10.22 6.18
C ALA B 18 -4.26 10.36 6.85
N ARG B 19 -5.25 9.56 6.40
CA ARG B 19 -6.66 9.60 6.90
C ARG B 19 -6.91 8.46 7.89
N SER B 20 -5.92 7.60 8.14
CA SER B 20 -6.03 6.38 8.97
C SER B 20 -5.67 6.66 10.43
N ALA B 21 -5.72 5.61 11.26
CA ALA B 21 -5.39 5.64 12.69
C ALA B 21 -3.88 5.58 12.91
N GLY B 22 -3.16 5.21 11.87
CA GLY B 22 -1.69 5.16 11.94
C GLY B 22 -1.22 3.72 11.86
N GLY B 23 -0.15 3.44 12.61
CA GLY B 23 0.54 2.15 12.48
C GLY B 23 1.62 2.21 11.41
N ALA B 24 1.85 1.11 10.70
CA ALA B 24 3.01 1.00 9.79
C ALA B 24 2.88 1.98 8.62
N VAL B 25 3.90 2.81 8.39
CA VAL B 25 3.92 3.72 7.21
C VAL B 25 4.13 2.89 5.95
N PRO B 26 3.26 3.05 4.93
CA PRO B 26 3.47 2.35 3.66
C PRO B 26 4.83 2.71 3.10
N PRO B 27 5.64 1.73 2.63
CA PRO B 27 6.98 2.00 2.10
C PRO B 27 6.98 3.01 0.95
N ALA B 28 5.96 2.94 0.08
CA ALA B 28 5.87 3.83 -1.11
C ALA B 28 5.61 5.26 -0.61
N CYS B 29 4.98 5.43 0.55
CA CYS B 29 4.76 6.77 1.14
C CYS B 29 6.11 7.34 1.61
N CYS B 30 6.95 6.54 2.28
CA CYS B 30 8.31 6.98 2.72
C CYS B 30 9.17 7.35 1.50
N SER B 31 9.08 6.53 0.47
CA SER B 31 9.77 6.78 -0.81
C SER B 31 9.25 8.11 -1.41
N GLY B 32 7.93 8.32 -1.41
CA GLY B 32 7.31 9.57 -1.88
C GLY B 32 7.85 10.76 -1.10
N ILE B 33 7.97 10.62 0.22
CA ILE B 33 8.43 11.72 1.09
C ILE B 33 9.92 12.01 0.83
N LYS B 34 10.71 10.97 0.58
CA LYS B 34 12.15 11.14 0.25
C LYS B 34 12.29 11.90 -1.07
N THR B 35 11.49 11.56 -2.07
CA THR B 35 11.44 12.30 -3.37
C THR B 35 11.12 13.77 -3.12
N LEU B 36 10.09 14.06 -2.33
CA LEU B 36 9.72 15.47 -2.05
C LEU B 36 10.87 16.18 -1.33
N ASP B 37 11.52 15.51 -0.39
CA ASP B 37 12.66 16.09 0.36
C ASP B 37 13.74 16.51 -0.64
N GLY B 38 14.03 15.63 -1.62
CA GLY B 38 15.03 15.85 -2.68
C GLY B 38 14.66 17.02 -3.59
N MET B 39 13.37 17.35 -3.74
CA MET B 39 12.91 18.45 -4.61
C MET B 39 12.88 19.79 -3.84
N ALA B 40 12.62 19.77 -2.52
CA ALA B 40 12.44 20.99 -1.69
C ALA B 40 13.73 21.34 -0.93
N ARG B 41 14.73 21.87 -1.63
CA ARG B 41 16.04 22.22 -1.04
C ARG B 41 16.17 23.73 -0.81
N THR B 42 15.30 24.54 -1.37
CA THR B 42 15.34 26.02 -1.20
C THR B 42 14.13 26.48 -0.40
N THR B 43 14.21 27.65 0.24
CA THR B 43 13.10 28.29 0.97
C THR B 43 11.87 28.37 0.06
N PRO B 44 11.94 28.92 -1.16
CA PRO B 44 10.76 28.99 -2.02
C PRO B 44 10.17 27.61 -2.36
N ASP B 45 10.99 26.57 -2.55
CA ASP B 45 10.48 25.20 -2.77
C ASP B 45 9.67 24.73 -1.56
N ARG B 46 10.16 24.98 -0.35
CA ARG B 46 9.45 24.60 0.89
C ARG B 46 8.19 25.46 1.07
N GLN B 47 8.24 26.74 0.74
CA GLN B 47 7.04 27.61 0.81
C GLN B 47 6.00 27.19 -0.22
N ALA B 48 6.40 26.82 -1.42
CA ALA B 48 5.49 26.31 -2.46
C ALA B 48 4.87 25.01 -1.99
N THR B 49 5.67 24.11 -1.44
CA THR B 49 5.20 22.81 -0.91
C THR B 49 4.12 23.09 0.14
N CYS B 50 4.42 23.97 1.10
CA CYS B 50 3.46 24.38 2.14
C CYS B 50 2.15 24.86 1.49
N LYS B 51 2.21 25.72 0.48
CA LYS B 51 1.00 26.29 -0.16
C LYS B 51 0.24 25.22 -0.94
N CYS B 52 0.93 24.26 -1.55
CA CYS B 52 0.29 23.15 -2.31
C CYS B 52 -0.47 22.25 -1.32
N LEU B 53 0.16 21.95 -0.18
CA LEU B 53 -0.44 21.10 0.89
C LEU B 53 -1.67 21.78 1.52
N LYS B 54 -1.59 23.07 1.84
CA LYS B 54 -2.75 23.84 2.37
C LYS B 54 -3.89 23.83 1.35
N SER B 55 -3.64 24.02 0.07
CA SER B 55 -4.70 23.99 -0.96
C SER B 55 -5.35 22.61 -0.99
N ALA B 56 -4.55 21.53 -0.96
CA ALA B 56 -5.05 20.13 -1.02
C ALA B 56 -5.91 19.81 0.22
N SER B 57 -5.52 20.32 1.39
CA SER B 57 -6.21 20.11 2.68
C SER B 57 -7.65 20.64 2.60
N THR B 58 -7.87 21.76 1.94
CA THR B 58 -9.22 22.38 1.82
C THR B 58 -10.15 21.40 1.11
N SER B 59 -9.63 20.57 0.20
CA SER B 59 -10.44 19.61 -0.60
C SER B 59 -10.38 18.20 0.03
N ILE B 60 -9.86 18.02 1.23
CA ILE B 60 -9.83 16.66 1.86
C ILE B 60 -10.38 16.78 3.30
N SER B 61 -11.16 15.78 3.73
CA SER B 61 -11.65 15.67 5.12
C SER B 61 -11.12 14.37 5.75
N GLY B 62 -11.05 14.31 7.08
CA GLY B 62 -10.71 13.07 7.80
C GLY B 62 -9.20 12.89 7.92
N ILE B 63 -8.42 13.92 7.68
CA ILE B 63 -6.94 13.88 7.79
C ILE B 63 -6.59 13.87 9.27
N ASN B 64 -5.68 12.97 9.61
CA ASN B 64 -5.09 12.79 10.95
C ASN B 64 -3.81 13.64 10.97
N TYR B 65 -3.94 14.93 11.28
CA TYR B 65 -2.83 15.90 11.25
C TYR B 65 -1.72 15.51 12.23
N GLY B 66 -2.06 14.94 13.38
CA GLY B 66 -1.08 14.46 14.37
C GLY B 66 -0.16 13.40 13.79
N LEU B 67 -0.71 12.50 12.97
CA LEU B 67 0.00 11.39 12.31
C LEU B 67 0.89 11.97 11.19
N VAL B 68 0.31 12.87 10.39
CA VAL B 68 0.96 13.51 9.21
C VAL B 68 2.18 14.30 9.70
N ALA B 69 2.04 15.05 10.80
CA ALA B 69 3.15 15.78 11.45
C ALA B 69 4.38 14.86 11.59
N SER B 70 4.19 13.59 11.96
CA SER B 70 5.31 12.69 12.33
C SER B 70 5.85 11.90 11.12
N LEU B 71 5.20 11.97 9.95
CA LEU B 71 5.54 11.08 8.80
C LEU B 71 7.01 11.22 8.39
N PRO B 72 7.56 12.45 8.24
CA PRO B 72 8.95 12.58 7.82
C PRO B 72 9.91 11.79 8.72
N ALA B 73 9.81 11.98 10.04
CA ALA B 73 10.75 11.33 10.99
C ALA B 73 10.53 9.81 10.96
N LYS B 74 9.31 9.34 10.74
CA LYS B 74 9.01 7.88 10.61
C LYS B 74 9.68 7.32 9.36
N CYS B 75 9.83 8.14 8.33
CA CYS B 75 10.42 7.74 7.03
C CYS B 75 11.92 8.03 6.97
N GLY B 76 12.54 8.37 8.10
CA GLY B 76 14.00 8.59 8.18
C GLY B 76 14.43 9.98 7.80
N VAL B 77 13.51 10.86 7.41
CA VAL B 77 13.80 12.25 6.96
C VAL B 77 13.80 13.13 8.20
N ASN B 78 14.92 13.81 8.46
CA ASN B 78 15.21 14.53 9.73
C ASN B 78 14.68 15.97 9.60
N ILE B 79 13.58 16.32 10.26
CA ILE B 79 12.80 17.53 9.89
C ILE B 79 12.75 18.41 11.13
N PRO B 80 13.14 19.69 11.06
CA PRO B 80 13.14 20.54 12.25
C PRO B 80 11.75 20.85 12.82
N TYR B 81 10.73 20.87 11.96
CA TYR B 81 9.38 21.39 12.33
C TYR B 81 8.34 20.35 11.98
N LYS B 82 7.19 20.47 12.63
CA LYS B 82 5.98 19.66 12.40
C LYS B 82 5.21 20.25 11.24
N ILE B 83 4.89 19.41 10.25
CA ILE B 83 4.07 19.82 9.09
C ILE B 83 2.65 20.00 9.61
N SER B 84 2.10 21.20 9.51
CA SER B 84 0.92 21.66 10.30
C SER B 84 0.17 22.74 9.52
N PRO B 85 -1.18 22.68 9.40
CA PRO B 85 -1.95 23.75 8.74
C PRO B 85 -1.86 25.07 9.50
N SER B 86 -1.45 25.02 10.77
CA SER B 86 -1.32 26.23 11.64
C SER B 86 -0.18 27.14 11.16
N THR B 87 0.89 26.55 10.60
CA THR B 87 2.11 27.31 10.21
C THR B 87 1.81 28.18 8.99
N ASP B 88 2.15 29.47 9.02
CA ASP B 88 2.05 30.37 7.84
C ASP B 88 3.14 29.98 6.83
N CYS B 89 2.77 29.72 5.58
CA CYS B 89 3.71 29.31 4.50
C CYS B 89 4.76 30.40 4.27
N ALA B 90 4.40 31.66 4.50
CA ALA B 90 5.30 32.83 4.39
C ALA B 90 6.42 32.77 5.43
N ARG B 91 6.28 31.99 6.50
CA ARG B 91 7.30 31.95 7.59
C ARG B 91 8.16 30.70 7.46
N VAL B 92 7.87 29.83 6.47
CA VAL B 92 8.69 28.61 6.24
C VAL B 92 10.02 29.08 5.61
N LYS B 93 11.15 28.60 6.16
CA LYS B 93 12.48 28.95 5.58
C LYS B 93 13.08 27.66 5.02
N ALA C 1 -15.38 -15.96 9.42
CA ALA C 1 -14.67 -15.80 8.14
C ALA C 1 -13.16 -15.95 8.34
N VAL C 2 -12.46 -16.39 7.30
CA VAL C 2 -10.98 -16.51 7.29
C VAL C 2 -10.39 -15.15 7.67
N THR C 3 -9.35 -15.15 8.49
CA THR C 3 -8.60 -13.94 8.92
C THR C 3 -7.38 -13.75 8.01
N CYS C 4 -6.80 -12.55 8.02
CA CYS C 4 -5.58 -12.22 7.22
C CYS C 4 -4.40 -13.07 7.74
N GLY C 5 -4.38 -13.34 9.04
CA GLY C 5 -3.44 -14.31 9.64
C GLY C 5 -3.56 -15.67 8.98
N GLN C 6 -4.79 -16.16 8.77
CA GLN C 6 -5.00 -17.52 8.18
C GLN C 6 -4.54 -17.50 6.73
N VAL C 7 -4.85 -16.43 6.00
CA VAL C 7 -4.46 -16.29 4.56
C VAL C 7 -2.93 -16.24 4.44
N ALA C 8 -2.27 -15.39 5.24
CA ALA C 8 -0.80 -15.23 5.24
C ALA C 8 -0.13 -16.59 5.52
N SER C 9 -0.63 -17.36 6.50
CA SER C 9 -0.04 -18.66 6.92
C SER C 9 -0.15 -19.67 5.77
N SER C 10 -1.28 -19.70 5.06
CA SER C 10 -1.51 -20.67 3.96
C SER C 10 -0.73 -20.27 2.68
N LEU C 11 -0.58 -18.98 2.40
CA LEU C 11 0.10 -18.50 1.17
C LEU C 11 1.58 -18.14 1.37
N ALA C 12 2.07 -18.14 2.61
CA ALA C 12 3.48 -17.85 2.94
C ALA C 12 4.43 -18.74 2.12
N PRO C 13 4.19 -20.06 1.99
CA PRO C 13 5.10 -20.89 1.20
C PRO C 13 5.09 -20.59 -0.31
N CYS C 14 4.12 -19.82 -0.81
CA CYS C 14 4.07 -19.43 -2.25
C CYS C 14 4.90 -18.18 -2.58
N ILE C 15 5.28 -17.36 -1.59
CA ILE C 15 5.77 -15.97 -1.85
C ILE C 15 7.08 -15.99 -2.62
N PRO C 16 8.12 -16.76 -2.21
CA PRO C 16 9.38 -16.76 -2.96
C PRO C 16 9.14 -17.20 -4.42
N TYR C 17 8.36 -18.24 -4.66
CA TYR C 17 7.99 -18.70 -6.04
C TYR C 17 7.20 -17.61 -6.77
N ALA C 18 6.36 -16.85 -6.08
CA ALA C 18 5.51 -15.79 -6.68
C ALA C 18 6.37 -14.67 -7.27
N ARG C 19 7.62 -14.54 -6.81
CA ARG C 19 8.57 -13.46 -7.22
C ARG C 19 9.51 -13.97 -8.32
N SER C 20 9.45 -15.27 -8.63
CA SER C 20 10.36 -15.97 -9.58
C SER C 20 9.79 -15.94 -11.02
N ALA C 21 10.54 -16.52 -11.94
CA ALA C 21 10.17 -16.65 -13.37
C ALA C 21 9.30 -17.88 -13.58
N GLY C 22 9.08 -18.71 -12.53
CA GLY C 22 8.16 -19.86 -12.61
C GLY C 22 8.91 -21.17 -12.52
N GLY C 23 8.45 -22.21 -13.22
CA GLY C 23 8.99 -23.57 -13.06
C GLY C 23 8.15 -24.39 -12.11
N ALA C 24 8.66 -25.50 -11.58
CA ALA C 24 7.88 -26.42 -10.72
C ALA C 24 7.38 -25.70 -9.46
N VAL C 25 6.09 -25.80 -9.16
CA VAL C 25 5.49 -25.26 -7.91
C VAL C 25 6.00 -26.04 -6.71
N PRO C 26 6.59 -25.35 -5.70
CA PRO C 26 6.97 -26.02 -4.45
C PRO C 26 5.72 -26.68 -3.85
N PRO C 27 5.82 -27.95 -3.40
CA PRO C 27 4.67 -28.66 -2.84
C PRO C 27 4.04 -27.95 -1.64
N ALA C 28 4.84 -27.26 -0.83
CA ALA C 28 4.34 -26.51 0.36
C ALA C 28 3.44 -25.36 -0.12
N CYS C 29 3.71 -24.80 -1.28
CA CYS C 29 2.85 -23.74 -1.85
C CYS C 29 1.51 -24.34 -2.29
N CYS C 30 1.51 -25.50 -2.97
CA CYS C 30 0.26 -26.21 -3.39
C CYS C 30 -0.54 -26.63 -2.15
N SER C 31 0.16 -27.12 -1.14
CA SER C 31 -0.44 -27.47 0.16
C SER C 31 -1.07 -26.22 0.78
N GLY C 32 -0.36 -25.09 0.78
CA GLY C 32 -0.88 -23.82 1.30
C GLY C 32 -2.13 -23.42 0.54
N ILE C 33 -2.12 -23.55 -0.78
CA ILE C 33 -3.28 -23.15 -1.62
C ILE C 33 -4.48 -24.07 -1.34
N LYS C 34 -4.23 -25.36 -1.13
CA LYS C 34 -5.30 -26.34 -0.81
C LYS C 34 -5.93 -25.97 0.54
N THR C 35 -5.12 -25.60 1.53
CA THR C 35 -5.62 -25.13 2.85
C THR C 35 -6.53 -23.91 2.66
N LEU C 36 -6.07 -22.92 1.88
CA LEU C 36 -6.90 -21.70 1.64
C LEU C 36 -8.20 -22.11 0.94
N ASP C 37 -8.14 -23.01 -0.04
CA ASP C 37 -9.32 -23.48 -0.80
C ASP C 37 -10.35 -24.03 0.21
N GLY C 38 -9.87 -24.84 1.15
CA GLY C 38 -10.66 -25.49 2.20
C GLY C 38 -11.26 -24.51 3.18
N MET C 39 -10.65 -23.33 3.37
CA MET C 39 -11.16 -22.30 4.32
C MET C 39 -12.15 -21.36 3.63
N ALA C 40 -11.98 -21.11 2.33
CA ALA C 40 -12.74 -20.07 1.58
C ALA C 40 -13.89 -20.70 0.81
N ARG C 41 -14.96 -21.07 1.51
CA ARG C 41 -16.13 -21.79 0.96
C ARG C 41 -17.31 -20.83 0.80
N THR C 42 -17.26 -19.65 1.42
CA THR C 42 -18.36 -18.68 1.39
C THR C 42 -17.89 -17.41 0.67
N THR C 43 -18.85 -16.62 0.18
CA THR C 43 -18.59 -15.32 -0.46
C THR C 43 -17.81 -14.43 0.51
N PRO C 44 -18.22 -14.27 1.78
CA PRO C 44 -17.45 -13.48 2.74
C PRO C 44 -15.99 -13.90 2.89
N ASP C 45 -15.71 -15.21 2.90
CA ASP C 45 -14.34 -15.75 3.02
C ASP C 45 -13.51 -15.29 1.82
N ARG C 46 -14.07 -15.37 0.63
CA ARG C 46 -13.37 -14.98 -0.62
C ARG C 46 -13.20 -13.46 -0.65
N GLN C 47 -14.20 -12.69 -0.23
CA GLN C 47 -14.07 -11.21 -0.17
C GLN C 47 -13.00 -10.80 0.85
N ALA C 48 -12.96 -11.43 2.00
CA ALA C 48 -11.93 -11.16 3.03
C ALA C 48 -10.55 -11.52 2.48
N THR C 49 -10.43 -12.66 1.79
CA THR C 49 -9.14 -13.10 1.19
C THR C 49 -8.67 -12.01 0.23
N CYS C 50 -9.57 -11.57 -0.66
CA CYS C 50 -9.25 -10.47 -1.60
C CYS C 50 -8.73 -9.24 -0.84
N LYS C 51 -9.38 -8.86 0.26
CA LYS C 51 -9.00 -7.64 1.02
C LYS C 51 -7.67 -7.85 1.73
N CYS C 52 -7.37 -9.06 2.18
CA CYS C 52 -6.09 -9.38 2.88
C CYS C 52 -4.96 -9.28 1.85
N LEU C 53 -5.19 -9.83 0.65
CA LEU C 53 -4.19 -9.82 -0.47
C LEU C 53 -3.90 -8.36 -0.92
N LYS C 54 -4.92 -7.53 -1.10
CA LYS C 54 -4.75 -6.09 -1.44
C LYS C 54 -3.95 -5.37 -0.36
N SER C 55 -4.25 -5.58 0.92
CA SER C 55 -3.51 -4.92 2.04
C SER C 55 -2.02 -5.32 1.95
N ALA C 56 -1.76 -6.63 1.78
CA ALA C 56 -0.40 -7.22 1.80
C ALA C 56 0.41 -6.70 0.61
N SER C 57 -0.24 -6.48 -0.54
CA SER C 57 0.34 -5.96 -1.80
C SER C 57 1.18 -4.70 -1.55
N THR C 58 0.76 -3.83 -0.63
CA THR C 58 1.50 -2.58 -0.35
C THR C 58 2.91 -2.89 0.15
N SER C 59 3.10 -3.98 0.88
CA SER C 59 4.39 -4.28 1.58
C SER C 59 5.18 -5.32 0.78
N ILE C 60 4.84 -5.59 -0.48
CA ILE C 60 5.61 -6.57 -1.31
C ILE C 60 5.93 -5.97 -2.69
N SER C 61 7.09 -6.31 -3.26
CA SER C 61 7.50 -5.89 -4.62
C SER C 61 8.01 -7.11 -5.42
N GLY C 62 8.00 -7.04 -6.74
CA GLY C 62 8.61 -8.08 -7.59
C GLY C 62 7.69 -9.27 -7.83
N ILE C 63 6.39 -9.06 -7.65
CA ILE C 63 5.41 -10.17 -7.81
C ILE C 63 5.19 -10.38 -9.31
N ASN C 64 5.24 -11.64 -9.73
CA ASN C 64 4.90 -12.13 -11.07
C ASN C 64 3.42 -12.51 -11.04
N TYR C 65 2.54 -11.54 -11.26
CA TYR C 65 1.07 -11.75 -11.17
C TYR C 65 0.60 -12.74 -12.23
N GLY C 66 1.22 -12.78 -13.40
CA GLY C 66 0.90 -13.75 -14.46
C GLY C 66 1.07 -15.17 -13.99
N LEU C 67 2.11 -15.41 -13.19
CA LEU C 67 2.48 -16.74 -12.64
C LEU C 67 1.50 -17.07 -11.50
N VAL C 68 1.22 -16.09 -10.63
CA VAL C 68 0.28 -16.23 -9.47
C VAL C 68 -1.12 -16.59 -9.97
N ALA C 69 -1.58 -15.94 -11.04
CA ALA C 69 -2.85 -16.28 -11.71
C ALA C 69 -2.95 -17.77 -12.04
N SER C 70 -1.85 -18.43 -12.41
CA SER C 70 -1.86 -19.85 -12.85
C SER C 70 -1.77 -20.83 -11.67
N LEU C 71 -1.46 -20.36 -10.46
CA LEU C 71 -1.16 -21.27 -9.31
C LEU C 71 -2.37 -22.12 -8.92
N PRO C 72 -3.61 -21.58 -8.85
CA PRO C 72 -4.77 -22.42 -8.59
C PRO C 72 -4.90 -23.64 -9.50
N ALA C 73 -4.81 -23.43 -10.81
CA ALA C 73 -4.93 -24.51 -11.82
C ALA C 73 -3.77 -25.50 -11.67
N LYS C 74 -2.56 -25.02 -11.37
CA LYS C 74 -1.37 -25.89 -11.17
C LYS C 74 -1.60 -26.78 -9.96
N CYS C 75 -2.33 -26.30 -8.96
CA CYS C 75 -2.52 -27.02 -7.68
C CYS C 75 -3.85 -27.77 -7.69
N GLY C 76 -4.63 -27.72 -8.78
CA GLY C 76 -5.88 -28.50 -8.90
C GLY C 76 -7.03 -27.99 -8.03
N VAL C 77 -6.98 -26.73 -7.58
CA VAL C 77 -8.03 -26.19 -6.67
C VAL C 77 -9.06 -25.44 -7.49
N ASN C 78 -10.09 -24.95 -6.82
CA ASN C 78 -11.12 -24.05 -7.41
C ASN C 78 -10.45 -22.76 -7.90
N ILE C 79 -10.75 -22.35 -9.13
CA ILE C 79 -10.08 -21.16 -9.72
C ILE C 79 -10.99 -19.95 -9.59
N PRO C 80 -10.54 -18.89 -8.89
CA PRO C 80 -11.36 -17.69 -8.73
C PRO C 80 -11.74 -17.12 -10.09
N TYR C 81 -13.00 -16.71 -10.22
CA TYR C 81 -13.52 -16.19 -11.52
C TYR C 81 -12.74 -14.92 -11.88
N LYS C 82 -12.54 -14.02 -10.92
CA LYS C 82 -11.71 -12.82 -11.13
C LYS C 82 -10.37 -13.04 -10.48
N ILE C 83 -9.29 -12.93 -11.24
CA ILE C 83 -7.90 -13.12 -10.71
C ILE C 83 -7.07 -11.85 -10.95
N SER C 84 -7.60 -10.87 -11.66
CA SER C 84 -6.92 -9.56 -11.89
C SER C 84 -6.51 -8.94 -10.55
N PRO C 85 -5.29 -8.38 -10.39
CA PRO C 85 -4.92 -7.71 -9.14
C PRO C 85 -5.75 -6.43 -8.92
N SER C 86 -6.44 -5.99 -9.96
CA SER C 86 -7.31 -4.79 -9.97
C SER C 86 -8.64 -5.07 -9.26
N THR C 87 -9.04 -6.34 -9.13
CA THR C 87 -10.41 -6.82 -8.83
C THR C 87 -11.01 -6.14 -7.60
N ASP C 88 -12.22 -5.60 -7.73
CA ASP C 88 -12.97 -4.98 -6.62
C ASP C 88 -13.44 -6.09 -5.66
N CYS C 89 -13.00 -6.08 -4.40
CA CYS C 89 -13.25 -7.19 -3.44
C CYS C 89 -14.77 -7.24 -3.15
N ALA C 90 -15.45 -6.10 -3.25
CA ALA C 90 -16.92 -5.97 -3.14
C ALA C 90 -17.66 -6.82 -4.16
N ARG C 91 -17.03 -7.19 -5.28
CA ARG C 91 -17.72 -7.85 -6.41
C ARG C 91 -17.31 -9.32 -6.47
N VAL C 92 -16.47 -9.78 -5.54
CA VAL C 92 -16.01 -11.22 -5.55
C VAL C 92 -17.19 -12.09 -5.07
N LYS C 93 -17.49 -13.16 -5.79
CA LYS C 93 -18.60 -14.11 -5.48
C LYS C 93 -18.07 -15.25 -4.59
N ALA D 1 -23.65 10.96 1.94
CA ALA D 1 -22.99 11.10 0.63
C ALA D 1 -21.48 10.91 0.79
N VAL D 2 -20.81 10.48 -0.27
CA VAL D 2 -19.34 10.29 -0.30
C VAL D 2 -18.71 11.65 0.05
N THR D 3 -17.64 11.63 0.85
CA THR D 3 -16.88 12.83 1.30
C THR D 3 -15.65 13.01 0.40
N CYS D 4 -15.04 14.18 0.43
CA CYS D 4 -13.79 14.49 -0.34
C CYS D 4 -12.65 13.64 0.22
N GLY D 5 -12.67 13.36 1.53
CA GLY D 5 -11.76 12.39 2.16
C GLY D 5 -11.89 11.03 1.50
N GLN D 6 -13.11 10.57 1.23
CA GLN D 6 -13.31 9.23 0.62
C GLN D 6 -12.80 9.25 -0.82
N VAL D 7 -13.09 10.31 -1.56
CA VAL D 7 -12.64 10.47 -2.97
C VAL D 7 -11.11 10.48 -3.03
N ALA D 8 -10.45 11.31 -2.22
CA ALA D 8 -8.98 11.40 -2.15
C ALA D 8 -8.35 10.02 -1.87
N SER D 9 -8.88 9.27 -0.90
CA SER D 9 -8.32 7.96 -0.49
C SER D 9 -8.44 6.93 -1.63
N SER D 10 -9.55 6.94 -2.38
CA SER D 10 -9.78 6.00 -3.50
C SER D 10 -8.98 6.40 -4.76
N LEU D 11 -8.82 7.70 -5.05
CA LEU D 11 -8.18 8.19 -6.30
C LEU D 11 -6.71 8.59 -6.09
N ALA D 12 -6.20 8.57 -4.86
CA ALA D 12 -4.77 8.87 -4.57
C ALA D 12 -3.83 8.00 -5.44
N PRO D 13 -4.07 6.67 -5.59
CA PRO D 13 -3.20 5.85 -6.42
C PRO D 13 -3.23 6.24 -7.92
N CYS D 14 -4.19 7.05 -8.37
CA CYS D 14 -4.29 7.46 -9.79
C CYS D 14 -3.46 8.72 -10.12
N ILE D 15 -3.00 9.50 -9.13
CA ILE D 15 -2.45 10.86 -9.40
C ILE D 15 -1.20 10.80 -10.27
N PRO D 16 -0.17 9.97 -9.92
CA PRO D 16 1.03 9.90 -10.73
C PRO D 16 0.69 9.54 -12.19
N TYR D 17 -0.16 8.53 -12.40
CA TYR D 17 -0.61 8.09 -13.75
C TYR D 17 -1.37 9.22 -14.44
N ALA D 18 -2.14 10.01 -13.69
CA ALA D 18 -2.99 11.10 -14.24
C ALA D 18 -2.14 12.19 -14.88
N ARG D 19 -0.86 12.29 -14.49
CA ARG D 19 0.09 13.31 -14.96
C ARG D 19 0.97 12.78 -16.10
N SER D 20 0.85 11.49 -16.41
CA SER D 20 1.71 10.77 -17.38
C SER D 20 1.14 10.80 -18.80
N ALA D 21 1.84 10.19 -19.72
CA ALA D 21 1.46 10.05 -21.14
C ALA D 21 0.55 8.85 -21.31
N GLY D 22 0.31 8.06 -20.26
CA GLY D 22 -0.66 6.95 -20.29
C GLY D 22 0.03 5.60 -20.20
N GLY D 23 -0.48 4.61 -20.90
CA GLY D 23 0.00 3.23 -20.78
C GLY D 23 -0.85 2.43 -19.82
N ALA D 24 -0.32 1.34 -19.29
CA ALA D 24 -1.07 0.42 -18.41
C ALA D 24 -1.43 1.15 -17.11
N VAL D 25 -2.70 1.08 -16.72
CA VAL D 25 -3.20 1.70 -15.45
C VAL D 25 -2.69 0.88 -14.27
N PRO D 26 -2.01 1.50 -13.28
CA PRO D 26 -1.63 0.77 -12.07
C PRO D 26 -2.88 0.12 -11.46
N PRO D 27 -2.79 -1.16 -11.02
CA PRO D 27 -3.97 -1.87 -10.51
C PRO D 27 -4.66 -1.17 -9.32
N ALA D 28 -3.86 -0.54 -8.46
CA ALA D 28 -4.35 0.19 -7.28
C ALA D 28 -5.19 1.40 -7.72
N CYS D 29 -4.86 2.00 -8.87
CA CYS D 29 -5.66 3.13 -9.39
C CYS D 29 -7.02 2.60 -9.88
N CYS D 30 -7.03 1.49 -10.62
CA CYS D 30 -8.31 0.90 -11.13
C CYS D 30 -9.14 0.41 -9.93
N SER D 31 -8.48 -0.17 -8.94
CA SER D 31 -9.12 -0.58 -7.68
C SER D 31 -9.72 0.65 -7.00
N GLY D 32 -8.98 1.74 -6.92
CA GLY D 32 -9.48 3.01 -6.34
C GLY D 32 -10.70 3.51 -7.10
N ILE D 33 -10.67 3.44 -8.43
CA ILE D 33 -11.79 3.91 -9.28
C ILE D 33 -13.02 3.01 -9.06
N LYS D 34 -12.81 1.69 -8.92
CA LYS D 34 -13.90 0.73 -8.68
C LYS D 34 -14.56 1.03 -7.34
N THR D 35 -13.76 1.31 -6.31
CA THR D 35 -14.26 1.69 -4.97
C THR D 35 -15.12 2.94 -5.10
N LEU D 36 -14.63 3.97 -5.79
CA LEU D 36 -15.43 5.22 -5.97
C LEU D 36 -16.73 4.91 -6.70
N ASP D 37 -16.69 4.07 -7.74
CA ASP D 37 -17.88 3.70 -8.54
C ASP D 37 -18.92 3.10 -7.57
N GLY D 38 -18.47 2.20 -6.68
CA GLY D 38 -19.30 1.53 -5.67
C GLY D 38 -19.88 2.49 -4.64
N MET D 39 -19.23 3.63 -4.38
CA MET D 39 -19.71 4.64 -3.40
C MET D 39 -20.69 5.63 -4.04
N ALA D 40 -20.52 5.94 -5.34
CA ALA D 40 -21.31 6.97 -6.07
C ALA D 40 -22.50 6.34 -6.81
N ARG D 41 -23.55 5.99 -6.08
CA ARG D 41 -24.77 5.35 -6.65
C ARG D 41 -25.93 6.36 -6.76
N THR D 42 -25.84 7.50 -6.10
CA THR D 42 -26.92 8.51 -6.10
C THR D 42 -26.43 9.80 -6.78
N THR D 43 -27.36 10.61 -7.26
CA THR D 43 -27.06 11.91 -7.91
C THR D 43 -26.26 12.77 -6.92
N PRO D 44 -26.66 12.94 -5.65
CA PRO D 44 -25.85 13.73 -4.71
C PRO D 44 -24.42 13.21 -4.53
N ASP D 45 -24.20 11.89 -4.55
CA ASP D 45 -22.83 11.30 -4.49
C ASP D 45 -22.01 11.75 -5.69
N ARG D 46 -22.61 11.74 -6.89
CA ARG D 46 -21.93 12.16 -8.13
C ARG D 46 -21.70 13.68 -8.10
N GLN D 47 -22.65 14.47 -7.60
CA GLN D 47 -22.47 15.94 -7.49
C GLN D 47 -21.37 16.28 -6.48
N ALA D 48 -21.32 15.58 -5.37
CA ALA D 48 -20.24 15.77 -4.37
C ALA D 48 -18.88 15.39 -4.99
N THR D 49 -18.84 14.27 -5.70
CA THR D 49 -17.61 13.78 -6.36
C THR D 49 -17.15 14.85 -7.35
N CYS D 50 -18.06 15.38 -8.16
CA CYS D 50 -17.77 16.47 -9.11
C CYS D 50 -17.10 17.63 -8.36
N LYS D 51 -17.67 18.06 -7.22
CA LYS D 51 -17.13 19.23 -6.47
C LYS D 51 -15.76 18.90 -5.87
N CYS D 52 -15.55 17.66 -5.43
CA CYS D 52 -14.28 17.23 -4.79
C CYS D 52 -13.20 17.22 -5.89
N LEU D 53 -13.52 16.71 -7.08
CA LEU D 53 -12.59 16.60 -8.23
C LEU D 53 -12.16 17.98 -8.73
N LYS D 54 -13.09 18.93 -8.88
CA LYS D 54 -12.76 20.32 -9.27
C LYS D 54 -11.77 20.91 -8.24
N SER D 55 -12.05 20.77 -6.95
CA SER D 55 -11.19 21.35 -5.89
C SER D 55 -9.80 20.71 -5.95
N ALA D 56 -9.72 19.40 -6.11
CA ALA D 56 -8.46 18.62 -6.14
C ALA D 56 -7.61 19.03 -7.33
N SER D 57 -8.25 19.29 -8.47
CA SER D 57 -7.56 19.69 -9.74
C SER D 57 -6.74 20.97 -9.52
N THR D 58 -7.22 21.91 -8.72
CA THR D 58 -6.52 23.18 -8.48
C THR D 58 -5.15 22.91 -7.85
N SER D 59 -5.01 21.85 -7.05
CA SER D 59 -3.76 21.57 -6.28
C SER D 59 -2.88 20.55 -7.04
N ILE D 60 -3.23 20.18 -8.27
CA ILE D 60 -2.37 19.25 -9.06
C ILE D 60 -2.19 19.86 -10.45
N SER D 61 -0.98 20.26 -10.81
CA SER D 61 -0.66 20.73 -12.18
C SER D 61 -0.13 19.57 -13.03
N GLY D 62 -0.23 19.68 -14.34
CA GLY D 62 0.33 18.71 -15.29
C GLY D 62 -0.59 17.54 -15.50
N ILE D 63 -1.88 17.72 -15.20
CA ILE D 63 -2.88 16.63 -15.34
C ILE D 63 -3.18 16.49 -16.83
N ASN D 64 -3.19 15.26 -17.29
CA ASN D 64 -3.55 14.83 -18.66
C ASN D 64 -5.04 14.49 -18.62
N TYR D 65 -5.90 15.48 -18.78
CA TYR D 65 -7.36 15.33 -18.65
C TYR D 65 -7.90 14.37 -19.73
N GLY D 66 -7.32 14.35 -20.92
CA GLY D 66 -7.71 13.42 -22.00
C GLY D 66 -7.54 11.97 -21.55
N LEU D 67 -6.47 11.68 -20.81
CA LEU D 67 -6.13 10.32 -20.31
C LEU D 67 -7.08 9.97 -19.14
N VAL D 68 -7.29 10.93 -18.24
CA VAL D 68 -8.19 10.79 -17.06
C VAL D 68 -9.63 10.52 -17.53
N ALA D 69 -10.09 11.24 -18.54
CA ALA D 69 -11.39 11.00 -19.21
C ALA D 69 -11.54 9.52 -19.59
N SER D 70 -10.49 8.81 -19.98
CA SER D 70 -10.56 7.42 -20.49
C SER D 70 -10.43 6.39 -19.37
N LEU D 71 -10.10 6.81 -18.14
CA LEU D 71 -9.82 5.88 -17.01
C LEU D 71 -11.05 5.03 -16.67
N PRO D 72 -12.27 5.59 -16.58
CA PRO D 72 -13.47 4.77 -16.34
C PRO D 72 -13.58 3.58 -17.29
N ALA D 73 -13.49 3.82 -18.60
CA ALA D 73 -13.63 2.76 -19.62
C ALA D 73 -12.50 1.73 -19.47
N LYS D 74 -11.28 2.17 -19.16
CA LYS D 74 -10.12 1.27 -18.94
C LYS D 74 -10.38 0.36 -17.74
N CYS D 75 -11.07 0.89 -16.72
CA CYS D 75 -11.25 0.14 -15.45
C CYS D 75 -12.59 -0.61 -15.44
N GLY D 76 -13.37 -0.56 -16.53
CA GLY D 76 -14.62 -1.33 -16.69
C GLY D 76 -15.82 -0.72 -15.97
N VAL D 77 -15.69 0.49 -15.42
CA VAL D 77 -16.77 1.06 -14.56
C VAL D 77 -17.77 1.87 -15.40
N ASN D 78 -18.79 2.36 -14.72
CA ASN D 78 -19.76 3.38 -15.17
C ASN D 78 -19.02 4.61 -15.67
N ILE D 79 -19.32 5.04 -16.89
CA ILE D 79 -18.65 6.23 -17.50
C ILE D 79 -19.57 7.42 -17.33
N PRO D 80 -19.13 8.46 -16.58
CA PRO D 80 -20.00 9.60 -16.30
C PRO D 80 -20.46 10.21 -17.63
N TYR D 81 -21.72 10.64 -17.68
CA TYR D 81 -22.29 11.28 -18.89
C TYR D 81 -21.49 12.53 -19.20
N LYS D 82 -21.30 13.41 -18.21
CA LYS D 82 -20.43 14.60 -18.34
C LYS D 82 -19.04 14.24 -17.85
N ILE D 83 -18.02 14.42 -18.69
CA ILE D 83 -16.62 14.09 -18.33
C ILE D 83 -15.73 15.34 -18.44
N SER D 84 -16.27 16.45 -18.96
CA SER D 84 -15.53 17.73 -19.02
C SER D 84 -15.25 18.23 -17.60
N PRO D 85 -14.01 18.68 -17.28
CA PRO D 85 -13.73 19.29 -15.99
C PRO D 85 -14.49 20.60 -15.78
N SER D 86 -14.93 21.23 -16.88
CA SER D 86 -15.66 22.51 -16.84
C SER D 86 -17.11 22.30 -16.38
N THR D 87 -17.63 21.06 -16.41
CA THR D 87 -19.05 20.73 -16.15
C THR D 87 -19.54 21.30 -14.82
N ASP D 88 -20.69 21.97 -14.82
CA ASP D 88 -21.30 22.52 -13.57
C ASP D 88 -21.85 21.35 -12.74
N CYS D 89 -21.39 21.23 -11.48
CA CYS D 89 -21.67 20.06 -10.60
C CYS D 89 -23.17 20.02 -10.30
N ALA D 90 -23.85 21.17 -10.28
CA ALA D 90 -25.31 21.29 -10.09
C ALA D 90 -26.10 20.57 -11.20
N ARG D 91 -25.51 20.32 -12.36
CA ARG D 91 -26.23 19.73 -13.51
C ARG D 91 -25.82 18.27 -13.71
N VAL D 92 -24.96 17.74 -12.85
CA VAL D 92 -24.59 16.28 -12.86
C VAL D 92 -25.81 15.48 -12.37
N LYS D 93 -26.17 14.43 -13.10
CA LYS D 93 -27.17 13.42 -12.68
C LYS D 93 -26.48 12.21 -12.03
#